data_6QL8
#
_entry.id   6QL8
#
_cell.length_a   70.910
_cell.length_b   70.910
_cell.length_c   54.270
_cell.angle_alpha   90.000
_cell.angle_beta   90.000
_cell.angle_gamma   90.000
#
_symmetry.space_group_name_H-M   'P 43'
#
loop_
_entity.id
_entity.type
_entity.pdbx_description
1 polymer 'Cathepsin K'
2 non-polymer ~{N}-[(2~{S})-1-[(3~{R},3~{a}~{R},6~{R},6~{a}~{R})-6-ethynyl-3-oxidanyl-2,3,3~{a},5,6,6~{a}-hexahydrofuro[3,2-b]pyrrol-4-yl]-4-methyl-1-oxidanylidene-pentan-2-yl]-4-[5-fluoranyl-2-(4-methylpiperazin-1-yl)-1,3-thiazol-4-yl]benzamide
3 non-polymer 'NITRATE ION'
4 water water
#
_entity_poly.entity_id   1
_entity_poly.type   'polypeptide(L)'
_entity_poly.pdbx_seq_one_letter_code
;GRAPDSVDYRKKGYVTPVKNQGQCGSCWAFSSVGALEGQLKKKTGKLLNLSPQNLVDCVSENDGCGGGYMTNAFQYVQKN
RGIDSEDAYPYVGQEESCMYNPTGKAAKCRGYREIPEGNEKALKRAVARVGPVSVAIDASLTSFQFYSKGVYYDESCNSD
NLNHAVLAVGYGIQKGNKHWIIKNSWGENWGNKGYILMARNKNNACGIANLASFPKM
;
_entity_poly.pdbx_strand_id   A
#
# COMPACT_ATOMS: atom_id res chain seq x y z
N GLY A 1 0.37 4.01 26.18
CA GLY A 1 0.38 2.60 25.70
C GLY A 1 1.30 2.43 24.52
N ARG A 2 2.28 1.54 24.65
CA ARG A 2 3.24 1.34 23.58
C ARG A 2 2.81 0.22 22.64
N ALA A 3 3.07 0.40 21.35
CA ALA A 3 2.75 -0.61 20.34
C ALA A 3 3.69 -1.84 20.43
N PRO A 4 3.30 -2.99 19.84
CA PRO A 4 4.20 -4.16 19.90
C PRO A 4 5.54 -3.92 19.18
N ASP A 5 6.60 -4.61 19.60
CA ASP A 5 7.92 -4.45 18.95
C ASP A 5 7.91 -4.90 17.50
N SER A 6 7.10 -5.92 17.21
CA SER A 6 6.89 -6.31 15.82
C SER A 6 5.44 -6.73 15.52
N VAL A 7 5.07 -6.57 14.25
CA VAL A 7 3.71 -6.76 13.76
C VAL A 7 3.84 -7.25 12.31
N ASP A 8 3.09 -8.28 11.94
CA ASP A 8 3.06 -8.76 10.54
C ASP A 8 1.62 -9.15 10.19
N TYR A 9 0.92 -8.29 9.48
CA TYR A 9 -0.47 -8.52 9.15
C TYR A 9 -0.70 -9.66 8.12
N ARG A 10 0.36 -10.13 7.47
CA ARG A 10 0.25 -11.34 6.62
C ARG A 10 -0.10 -12.54 7.49
N LYS A 11 0.46 -12.57 8.70
CA LYS A 11 0.17 -13.64 9.66
CA LYS A 11 0.18 -13.65 9.65
C LYS A 11 -1.26 -13.63 10.15
N LYS A 12 -1.93 -12.47 10.07
CA LYS A 12 -3.33 -12.32 10.53
CA LYS A 12 -3.33 -12.34 10.53
C LYS A 12 -4.34 -12.50 9.40
N GLY A 13 -3.88 -12.75 8.17
CA GLY A 13 -4.79 -12.95 7.03
C GLY A 13 -5.39 -11.66 6.49
N TYR A 14 -4.68 -10.54 6.70
CA TYR A 14 -5.10 -9.19 6.24
C TYR A 14 -4.61 -8.84 4.83
N VAL A 15 -3.74 -9.66 4.25
CA VAL A 15 -2.99 -9.27 3.05
C VAL A 15 -3.21 -10.29 1.94
N THR A 16 -3.68 -9.79 0.80
CA THR A 16 -3.96 -10.62 -0.37
C THR A 16 -2.63 -10.96 -1.06
N PRO A 17 -2.67 -11.88 -2.04
CA PRO A 17 -1.43 -12.18 -2.74
C PRO A 17 -0.83 -11.00 -3.49
N VAL A 18 0.46 -11.09 -3.75
CA VAL A 18 1.17 -10.05 -4.47
C VAL A 18 0.67 -9.98 -5.90
N LYS A 19 0.42 -8.75 -6.35
CA LYS A 19 -0.06 -8.49 -7.69
C LYS A 19 1.06 -7.92 -8.56
N ASN A 20 0.82 -7.92 -9.86
CA ASN A 20 1.75 -7.35 -10.82
C ASN A 20 1.00 -6.28 -11.62
N GLN A 21 1.38 -5.02 -11.38
CA GLN A 21 0.75 -3.89 -12.09
C GLN A 21 1.10 -3.78 -13.57
N GLY A 22 2.17 -4.43 -14.02
CA GLY A 22 2.62 -4.36 -15.42
C GLY A 22 3.17 -2.97 -15.70
N GLN A 23 3.11 -2.54 -16.95
CA GLN A 23 3.71 -1.23 -17.31
C GLN A 23 2.89 0.02 -16.84
N CYS A 24 1.60 -0.16 -16.61
CA CYS A 24 0.72 0.94 -16.21
C CYS A 24 1.23 1.56 -14.89
N GLY A 25 1.27 2.88 -14.83
CA GLY A 25 1.63 3.63 -13.60
C GLY A 25 0.51 3.64 -12.55
N SER A 26 0.07 2.44 -12.16
CA SER A 26 -1.06 2.24 -11.25
C SER A 26 -0.64 1.86 -9.83
N CYS A 27 0.63 2.09 -9.47
CA CYS A 27 1.11 1.75 -8.13
C CYS A 27 0.20 2.30 -7.05
N TRP A 28 -0.20 3.55 -7.22
CA TRP A 28 -1.14 4.24 -6.30
C TRP A 28 -2.45 3.48 -6.09
N ALA A 29 -2.95 2.84 -7.15
CA ALA A 29 -4.19 2.08 -7.10
C ALA A 29 -4.00 0.75 -6.35
N PHE A 30 -2.88 0.08 -6.58
CA PHE A 30 -2.55 -1.14 -5.81
C PHE A 30 -2.32 -0.85 -4.34
N SER A 31 -1.63 0.27 -4.08
CA SER A 31 -1.41 0.72 -2.69
C SER A 31 -2.75 0.95 -2.01
N SER A 32 -3.63 1.69 -2.66
CA SER A 32 -4.92 2.01 -2.08
C SER A 32 -5.77 0.76 -1.84
N VAL A 33 -5.86 -0.14 -2.83
CA VAL A 33 -6.65 -1.37 -2.63
C VAL A 33 -6.08 -2.23 -1.51
N GLY A 34 -4.76 -2.32 -1.41
CA GLY A 34 -4.15 -3.07 -0.32
C GLY A 34 -4.59 -2.58 1.03
N ALA A 35 -4.60 -1.27 1.22
CA ALA A 35 -5.02 -0.70 2.50
C ALA A 35 -6.50 -0.95 2.75
N LEU A 36 -7.32 -0.82 1.69
CA LEU A 36 -8.74 -1.12 1.81
C LEU A 36 -9.00 -2.60 2.14
N GLU A 37 -8.27 -3.50 1.47
CA GLU A 37 -8.38 -4.97 1.71
C GLU A 37 -8.13 -5.34 3.17
N GLY A 38 -7.14 -4.70 3.77
CA GLY A 38 -6.83 -4.89 5.20
C GLY A 38 -8.00 -4.50 6.09
N GLN A 39 -8.56 -3.31 5.86
CA GLN A 39 -9.69 -2.84 6.66
C GLN A 39 -10.96 -3.68 6.44
N LEU A 40 -11.15 -4.15 5.20
CA LEU A 40 -12.28 -5.00 4.89
C LEU A 40 -12.20 -6.31 5.66
N LYS A 41 -11.01 -6.92 5.70
CA LYS A 41 -10.80 -8.14 6.48
C LYS A 41 -11.13 -7.91 7.98
N LYS A 42 -10.66 -6.79 8.51
CA LYS A 42 -10.91 -6.44 9.91
C LYS A 42 -12.41 -6.27 10.19
N LYS A 43 -13.13 -5.73 9.23
CA LYS A 43 -14.55 -5.47 9.34
C LYS A 43 -15.41 -6.71 9.18
N THR A 44 -15.16 -7.51 8.14
CA THR A 44 -16.05 -8.62 7.77
C THR A 44 -15.51 -9.99 8.08
N GLY A 45 -14.21 -10.11 8.37
CA GLY A 45 -13.59 -11.42 8.55
C GLY A 45 -13.20 -12.09 7.24
N LYS A 46 -13.45 -11.43 6.10
CA LYS A 46 -13.21 -12.01 4.78
C LYS A 46 -12.09 -11.27 4.06
N LEU A 47 -11.16 -12.02 3.50
CA LEU A 47 -10.05 -11.46 2.73
C LEU A 47 -10.43 -11.55 1.27
N LEU A 48 -10.50 -10.43 0.57
CA LEU A 48 -11.01 -10.35 -0.80
C LEU A 48 -10.16 -9.38 -1.63
N ASN A 49 -9.82 -9.74 -2.88
CA ASN A 49 -9.16 -8.82 -3.80
C ASN A 49 -10.14 -7.73 -4.23
N LEU A 50 -9.75 -6.46 -4.01
CA LEU A 50 -10.52 -5.32 -4.47
C LEU A 50 -9.93 -4.82 -5.78
N SER A 51 -10.68 -3.98 -6.50
CA SER A 51 -10.35 -3.59 -7.88
C SER A 51 -9.45 -2.36 -8.07
N PRO A 52 -8.17 -2.56 -8.40
CA PRO A 52 -7.40 -1.37 -8.76
C PRO A 52 -7.85 -0.73 -10.07
N GLN A 53 -8.38 -1.53 -10.99
CA GLN A 53 -8.87 -1.01 -12.27
C GLN A 53 -10.04 -0.04 -12.07
N ASN A 54 -10.91 -0.36 -11.12
CA ASN A 54 -12.02 0.52 -10.74
C ASN A 54 -11.43 1.93 -10.42
N LEU A 55 -10.30 1.96 -9.72
CA LEU A 55 -9.65 3.22 -9.34
C LEU A 55 -8.97 3.85 -10.54
N VAL A 56 -8.25 3.06 -11.33
CA VAL A 56 -7.57 3.60 -12.51
C VAL A 56 -8.58 4.31 -13.44
N ASP A 57 -9.72 3.67 -13.68
CA ASP A 57 -10.70 4.16 -14.65
C ASP A 57 -11.58 5.29 -14.12
N CYS A 58 -11.86 5.30 -12.82
CA CYS A 58 -12.92 6.13 -12.26
C CYS A 58 -12.48 7.28 -11.36
N VAL A 59 -11.25 7.29 -10.88
CA VAL A 59 -10.76 8.40 -10.06
C VAL A 59 -10.36 9.54 -10.97
N SER A 60 -11.27 10.46 -11.19
CA SER A 60 -11.02 11.57 -12.12
C SER A 60 -9.97 12.55 -11.55
N GLU A 61 -9.88 12.68 -10.22
CA GLU A 61 -8.79 13.45 -9.61
C GLU A 61 -7.59 12.54 -9.37
N ASN A 62 -7.06 12.02 -10.47
CA ASN A 62 -5.82 11.22 -10.53
C ASN A 62 -5.56 11.07 -12.02
N ASP A 63 -4.50 10.39 -12.41
CA ASP A 63 -4.10 10.32 -13.83
C ASP A 63 -3.99 8.89 -14.38
N GLY A 64 -4.77 7.95 -13.84
CA GLY A 64 -4.83 6.58 -14.38
C GLY A 64 -3.48 5.92 -14.38
N CYS A 65 -3.05 5.47 -15.56
CA CYS A 65 -1.72 4.89 -15.74
C CYS A 65 -0.57 5.91 -15.76
N GLY A 66 -0.88 7.21 -15.76
CA GLY A 66 0.11 8.26 -15.54
C GLY A 66 0.37 8.61 -14.08
N GLY A 67 -0.31 7.95 -13.14
CA GLY A 67 -0.03 8.09 -11.72
C GLY A 67 -1.21 8.63 -10.94
N GLY A 68 -1.08 8.62 -9.62
CA GLY A 68 -2.11 9.18 -8.74
C GLY A 68 -1.67 9.27 -7.31
N TYR A 69 -2.53 9.84 -6.47
CA TYR A 69 -2.38 9.77 -5.04
C TYR A 69 -3.39 8.81 -4.41
N MET A 70 -2.96 8.13 -3.36
CA MET A 70 -3.83 7.25 -2.58
C MET A 70 -4.98 8.00 -1.89
N THR A 71 -4.71 9.19 -1.36
CA THR A 71 -5.76 9.97 -0.70
C THR A 71 -6.90 10.29 -1.66
N ASN A 72 -6.57 10.62 -2.91
CA ASN A 72 -7.58 10.82 -3.94
C ASN A 72 -8.44 9.57 -4.20
N ALA A 73 -7.80 8.41 -4.18
CA ALA A 73 -8.47 7.12 -4.33
C ALA A 73 -9.44 6.88 -3.18
N PHE A 74 -8.99 7.10 -1.94
CA PHE A 74 -9.88 6.98 -0.77
C PHE A 74 -11.06 7.96 -0.86
N GLN A 75 -10.80 9.19 -1.32
CA GLN A 75 -11.87 10.18 -1.50
C GLN A 75 -12.92 9.72 -2.51
N TYR A 76 -12.44 9.14 -3.61
CA TYR A 76 -13.33 8.58 -4.61
C TYR A 76 -14.25 7.50 -4.02
N VAL A 77 -13.67 6.58 -3.26
CA VAL A 77 -14.45 5.46 -2.73
C VAL A 77 -15.50 6.00 -1.77
N GLN A 78 -15.11 7.00 -0.98
CA GLN A 78 -16.02 7.66 -0.07
C GLN A 78 -17.18 8.35 -0.81
N LYS A 79 -16.85 9.18 -1.80
CA LYS A 79 -17.85 9.89 -2.61
C LYS A 79 -18.76 8.90 -3.38
N ASN A 80 -18.14 7.88 -3.95
CA ASN A 80 -18.81 6.91 -4.84
C ASN A 80 -19.71 5.95 -4.10
N ARG A 81 -19.57 5.91 -2.79
CA ARG A 81 -20.22 4.94 -1.91
C ARG A 81 -19.84 3.49 -2.23
N GLY A 82 -18.62 3.28 -2.71
CA GLY A 82 -18.14 1.92 -2.88
C GLY A 82 -16.99 1.73 -3.84
N ILE A 83 -16.39 0.55 -3.74
CA ILE A 83 -15.37 0.08 -4.67
C ILE A 83 -15.73 -1.36 -5.02
N ASP A 84 -15.54 -1.72 -6.27
CA ASP A 84 -15.81 -3.09 -6.74
C ASP A 84 -14.72 -4.06 -6.34
N SER A 85 -15.09 -5.35 -6.27
CA SER A 85 -14.12 -6.44 -6.17
C SER A 85 -13.33 -6.56 -7.47
N GLU A 86 -12.13 -7.14 -7.37
CA GLU A 86 -11.33 -7.53 -8.54
C GLU A 86 -12.14 -8.40 -9.51
N ASP A 87 -12.84 -9.39 -8.97
CA ASP A 87 -13.65 -10.27 -9.80
C ASP A 87 -14.73 -9.53 -10.61
N ALA A 88 -15.39 -8.56 -9.99
CA ALA A 88 -16.43 -7.77 -10.64
C ALA A 88 -15.86 -6.71 -11.60
N TYR A 89 -14.61 -6.31 -11.39
CA TYR A 89 -13.99 -5.24 -12.19
C TYR A 89 -12.50 -5.57 -12.37
N PRO A 90 -12.16 -6.48 -13.30
CA PRO A 90 -10.80 -7.03 -13.35
C PRO A 90 -9.75 -6.10 -13.90
N TYR A 91 -8.49 -6.37 -13.53
CA TYR A 91 -7.36 -5.54 -13.91
C TYR A 91 -6.95 -5.82 -15.32
N VAL A 92 -6.85 -4.76 -16.12
CA VAL A 92 -6.39 -4.88 -17.51
C VAL A 92 -5.12 -4.09 -17.82
N GLY A 93 -4.67 -3.21 -16.94
CA GLY A 93 -3.38 -2.56 -17.10
C GLY A 93 -3.33 -1.47 -18.15
N GLN A 94 -4.48 -0.91 -18.49
CA GLN A 94 -4.56 0.28 -19.33
C GLN A 94 -5.80 1.07 -18.88
N GLU A 95 -5.81 2.38 -19.10
CA GLU A 95 -6.98 3.16 -18.68
C GLU A 95 -8.11 2.93 -19.67
N GLU A 96 -9.31 2.68 -19.13
CA GLU A 96 -10.52 2.49 -19.91
C GLU A 96 -11.67 3.32 -19.31
N SER A 97 -12.81 3.31 -19.97
CA SER A 97 -13.96 4.06 -19.46
C SER A 97 -14.37 3.53 -18.09
N CYS A 98 -14.84 4.41 -17.22
CA CYS A 98 -15.31 4.00 -15.89
C CYS A 98 -16.54 3.08 -16.01
N MET A 99 -16.42 1.86 -15.50
CA MET A 99 -17.51 0.88 -15.58
C MET A 99 -17.87 0.35 -14.19
N TYR A 100 -17.80 1.24 -13.19
CA TYR A 100 -18.17 0.88 -11.82
C TYR A 100 -19.57 0.36 -11.80
N ASN A 101 -19.77 -0.75 -11.09
CA ASN A 101 -21.09 -1.34 -10.98
C ASN A 101 -21.41 -1.55 -9.49
N PRO A 102 -22.43 -0.85 -8.97
CA PRO A 102 -22.71 -0.99 -7.53
C PRO A 102 -23.10 -2.40 -7.07
N THR A 103 -23.61 -3.26 -7.96
CA THR A 103 -23.91 -4.66 -7.56
C THR A 103 -22.63 -5.48 -7.24
N GLY A 104 -21.49 -5.08 -7.80
CA GLY A 104 -20.22 -5.72 -7.47
C GLY A 104 -19.45 -5.08 -6.32
N LYS A 105 -20.10 -4.15 -5.59
CA LYS A 105 -19.47 -3.41 -4.51
C LYS A 105 -19.02 -4.39 -3.44
N ALA A 106 -17.75 -4.32 -3.03
CA ALA A 106 -17.22 -5.18 -1.99
C ALA A 106 -16.69 -4.42 -0.76
N ALA A 107 -16.55 -3.10 -0.85
CA ALA A 107 -16.13 -2.30 0.29
C ALA A 107 -16.56 -0.85 0.12
N LYS A 108 -16.61 -0.15 1.24
CA LYS A 108 -16.90 1.27 1.31
C LYS A 108 -15.76 1.98 2.04
N CYS A 109 -15.81 3.30 2.07
CA CYS A 109 -14.79 4.10 2.74
C CYS A 109 -15.46 5.31 3.41
N ARG A 110 -15.16 5.52 4.68
CA ARG A 110 -15.69 6.64 5.44
C ARG A 110 -14.77 7.85 5.49
N GLY A 111 -13.64 7.79 4.80
CA GLY A 111 -12.61 8.81 4.87
C GLY A 111 -11.25 8.18 5.03
N TYR A 112 -10.28 9.00 5.38
CA TYR A 112 -8.90 8.55 5.50
C TYR A 112 -8.21 9.43 6.50
N ARG A 113 -7.09 8.94 7.01
CA ARG A 113 -6.25 9.72 7.92
C ARG A 113 -4.83 9.70 7.33
N GLU A 114 -4.09 10.79 7.55
CA GLU A 114 -2.73 10.90 7.06
C GLU A 114 -1.81 10.85 8.27
N ILE A 115 -0.73 10.07 8.16
CA ILE A 115 0.27 10.01 9.23
C ILE A 115 1.07 11.33 9.21
N PRO A 116 1.31 11.95 10.40
CA PRO A 116 2.12 13.18 10.43
C PRO A 116 3.43 13.05 9.62
N GLU A 117 3.68 14.01 8.75
CA GLU A 117 4.78 13.92 7.79
C GLU A 117 6.13 13.62 8.44
N GLY A 118 6.76 12.57 7.96
CA GLY A 118 8.12 12.20 8.38
C GLY A 118 8.21 11.48 9.71
N ASN A 119 7.07 11.18 10.33
CA ASN A 119 7.06 10.61 11.69
C ASN A 119 6.93 9.07 11.65
N GLU A 120 8.06 8.38 11.76
CA GLU A 120 8.12 6.91 11.71
C GLU A 120 7.52 6.26 12.95
N LYS A 121 7.53 6.95 14.08
CA LYS A 121 6.87 6.45 15.28
C LYS A 121 5.37 6.44 15.10
N ALA A 122 4.84 7.52 14.53
CA ALA A 122 3.41 7.64 14.28
C ALA A 122 2.98 6.61 13.24
N LEU A 123 3.80 6.40 12.21
CA LEU A 123 3.56 5.31 11.24
C LEU A 123 3.51 3.93 11.90
N LYS A 124 4.47 3.67 12.80
CA LYS A 124 4.51 2.39 13.52
C LYS A 124 3.23 2.20 14.32
N ARG A 125 2.85 3.22 15.08
CA ARG A 125 1.64 3.15 15.90
C ARG A 125 0.38 2.95 15.05
N ALA A 126 0.33 3.60 13.89
CA ALA A 126 -0.82 3.46 13.00
C ALA A 126 -0.89 2.04 12.43
N VAL A 127 0.25 1.51 11.97
CA VAL A 127 0.26 0.14 11.47
C VAL A 127 -0.24 -0.83 12.56
N ALA A 128 0.26 -0.66 13.77
CA ALA A 128 -0.10 -1.53 14.90
C ALA A 128 -1.59 -1.50 15.23
N ARG A 129 -2.16 -0.30 15.21
CA ARG A 129 -3.56 -0.05 15.63
C ARG A 129 -4.58 -0.35 14.54
N VAL A 130 -4.20 -0.07 13.30
CA VAL A 130 -5.14 -0.05 12.18
C VAL A 130 -5.00 -1.26 11.28
N GLY A 131 -3.79 -1.59 10.87
CA GLY A 131 -3.60 -2.56 9.79
C GLY A 131 -2.64 -1.99 8.77
N PRO A 132 -2.56 -2.62 7.61
CA PRO A 132 -1.70 -2.12 6.54
C PRO A 132 -1.98 -0.65 6.15
N VAL A 133 -0.91 0.09 5.88
CA VAL A 133 -0.97 1.53 5.63
C VAL A 133 -0.33 1.80 4.29
N SER A 134 -1.00 2.60 3.47
CA SER A 134 -0.46 3.02 2.17
C SER A 134 0.70 3.98 2.38
N VAL A 135 1.83 3.76 1.69
CA VAL A 135 3.00 4.64 1.82
C VAL A 135 3.57 4.97 0.44
N ALA A 136 4.20 6.13 0.33
CA ALA A 136 4.99 6.47 -0.86
C ALA A 136 6.47 6.46 -0.51
N ILE A 137 7.30 6.07 -1.49
CA ILE A 137 8.76 5.97 -1.30
C ILE A 137 9.53 6.42 -2.53
N ASP A 138 10.83 6.67 -2.33
CA ASP A 138 11.81 6.71 -3.39
C ASP A 138 12.27 5.27 -3.68
N ALA A 139 11.80 4.76 -4.82
CA ALA A 139 12.16 3.44 -5.35
C ALA A 139 13.02 3.57 -6.61
N SER A 140 13.58 4.77 -6.83
CA SER A 140 14.30 5.04 -8.08
C SER A 140 15.67 4.37 -8.19
N LEU A 141 16.31 4.05 -7.07
CA LEU A 141 17.65 3.50 -7.13
C LEU A 141 17.64 2.07 -7.67
N THR A 142 18.60 1.73 -8.52
CA THR A 142 18.75 0.34 -8.97
C THR A 142 18.99 -0.61 -7.78
N SER A 143 19.64 -0.15 -6.71
CA SER A 143 19.79 -0.97 -5.49
C SER A 143 18.43 -1.40 -4.90
N PHE A 144 17.45 -0.49 -4.88
CA PHE A 144 16.07 -0.86 -4.50
C PHE A 144 15.51 -1.88 -5.47
N GLN A 145 15.62 -1.60 -6.76
CA GLN A 145 14.97 -2.43 -7.77
C GLN A 145 15.54 -3.87 -7.87
N PHE A 146 16.83 -4.03 -7.58
CA PHE A 146 17.49 -5.34 -7.56
C PHE A 146 17.44 -6.03 -6.17
N TYR A 147 16.72 -5.45 -5.21
CA TYR A 147 16.58 -6.06 -3.88
C TYR A 147 16.24 -7.55 -3.93
N SER A 148 16.95 -8.33 -3.13
CA SER A 148 16.62 -9.74 -2.95
C SER A 148 16.43 -10.15 -1.48
N LYS A 149 17.22 -9.58 -0.57
CA LYS A 149 17.18 -9.99 0.83
C LYS A 149 17.83 -8.95 1.72
N GLY A 150 17.61 -9.13 3.02
CA GLY A 150 18.14 -8.22 4.03
C GLY A 150 17.26 -7.02 4.25
N VAL A 151 17.76 -6.07 5.01
CA VAL A 151 17.06 -4.83 5.28
C VAL A 151 17.66 -3.71 4.41
N TYR A 152 16.85 -3.20 3.51
CA TYR A 152 17.29 -2.30 2.46
C TYR A 152 17.58 -0.92 3.01
N TYR A 153 18.78 -0.43 2.78
CA TYR A 153 19.16 0.93 3.14
C TYR A 153 20.17 1.41 2.11
N ASP A 154 19.98 2.61 1.60
CA ASP A 154 20.92 3.21 0.66
C ASP A 154 20.97 4.71 0.94
N GLU A 155 22.16 5.19 1.27
CA GLU A 155 22.38 6.60 1.62
C GLU A 155 21.97 7.56 0.50
N SER A 156 21.94 7.08 -0.75
CA SER A 156 21.53 7.90 -1.88
C SER A 156 20.02 8.07 -2.03
N CYS A 157 19.22 7.39 -1.21
CA CYS A 157 17.78 7.51 -1.28
C CYS A 157 17.41 8.94 -0.89
N ASN A 158 16.40 9.49 -1.55
CA ASN A 158 16.01 10.87 -1.37
C ASN A 158 14.56 10.89 -0.89
N SER A 159 14.37 11.24 0.38
CA SER A 159 13.04 11.27 0.98
C SER A 159 12.09 12.31 0.34
N ASP A 160 12.64 13.31 -0.36
CA ASP A 160 11.85 14.27 -1.13
C ASP A 160 11.44 13.79 -2.54
N ASN A 161 11.96 12.64 -2.97
CA ASN A 161 11.65 12.09 -4.31
C ASN A 161 10.71 10.89 -4.15
N LEU A 162 9.42 11.19 -3.99
CA LEU A 162 8.41 10.15 -3.87
C LEU A 162 7.95 9.79 -5.28
N ASN A 163 8.27 8.58 -5.66
CA ASN A 163 8.06 8.10 -7.02
C ASN A 163 7.44 6.70 -7.12
N HIS A 164 7.02 6.11 -6.01
CA HIS A 164 6.38 4.79 -6.01
C HIS A 164 5.47 4.70 -4.80
N ALA A 165 4.38 3.97 -4.95
CA ALA A 165 3.38 3.73 -3.91
C ALA A 165 3.28 2.24 -3.60
N VAL A 166 3.39 1.92 -2.33
CA VAL A 166 3.42 0.54 -1.86
C VAL A 166 2.63 0.45 -0.57
N LEU A 167 2.75 -0.67 0.15
CA LEU A 167 1.89 -0.95 1.30
C LEU A 167 2.73 -1.48 2.44
N ALA A 168 2.66 -0.82 3.59
CA ALA A 168 3.35 -1.26 4.79
C ALA A 168 2.45 -2.23 5.50
N VAL A 169 2.83 -3.51 5.56
CA VAL A 169 2.00 -4.54 6.15
C VAL A 169 2.47 -4.96 7.55
N GLY A 170 3.53 -4.35 8.01
CA GLY A 170 4.07 -4.65 9.32
C GLY A 170 5.42 -4.01 9.49
N TYR A 171 6.08 -4.40 10.56
CA TYR A 171 7.37 -3.88 10.94
C TYR A 171 8.01 -4.85 11.92
N GLY A 172 9.33 -4.81 12.04
CA GLY A 172 10.03 -5.70 12.96
C GLY A 172 11.52 -5.45 12.91
N ILE A 173 12.29 -6.54 12.92
CA ILE A 173 13.74 -6.45 13.01
C ILE A 173 14.36 -7.71 12.41
N GLN A 174 15.55 -7.57 11.81
CA GLN A 174 16.28 -8.71 11.25
CA GLN A 174 16.29 -8.69 11.21
C GLN A 174 17.77 -8.46 11.45
N LYS A 175 18.47 -9.41 12.04
CA LYS A 175 19.88 -9.24 12.45
C LYS A 175 20.14 -7.90 13.15
N GLY A 176 19.17 -7.47 13.95
CA GLY A 176 19.24 -6.23 14.71
C GLY A 176 18.91 -4.97 13.96
N ASN A 177 18.56 -5.08 12.67
CA ASN A 177 18.23 -3.95 11.83
C ASN A 177 16.72 -3.80 11.78
N LYS A 178 16.22 -2.71 12.36
CA LYS A 178 14.77 -2.47 12.39
C LYS A 178 14.25 -2.25 10.97
N HIS A 179 13.07 -2.78 10.70
CA HIS A 179 12.52 -2.69 9.35
C HIS A 179 11.01 -2.44 9.29
N TRP A 180 10.60 -2.05 8.09
CA TRP A 180 9.21 -2.03 7.63
C TRP A 180 9.07 -3.20 6.69
N ILE A 181 7.93 -3.90 6.77
CA ILE A 181 7.59 -4.98 5.84
C ILE A 181 6.73 -4.38 4.74
N ILE A 182 7.26 -4.32 3.52
CA ILE A 182 6.63 -3.65 2.40
C ILE A 182 6.20 -4.61 1.30
N LYS A 183 4.91 -4.57 0.97
CA LYS A 183 4.33 -5.29 -0.15
C LYS A 183 4.41 -4.41 -1.39
N ASN A 184 5.08 -4.90 -2.42
CA ASN A 184 5.17 -4.23 -3.69
C ASN A 184 4.07 -4.79 -4.61
N SER A 185 3.96 -4.21 -5.81
CA SER A 185 3.00 -4.61 -6.82
C SER A 185 3.72 -4.89 -8.14
N TRP A 186 4.94 -5.43 -8.05
CA TRP A 186 5.75 -5.78 -9.21
C TRP A 186 5.84 -7.30 -9.44
N GLY A 187 4.87 -8.04 -8.90
CA GLY A 187 4.79 -9.49 -9.04
C GLY A 187 5.56 -10.22 -7.97
N GLU A 188 5.26 -11.51 -7.83
CA GLU A 188 5.92 -12.36 -6.84
C GLU A 188 7.36 -12.66 -7.18
N ASN A 189 7.75 -12.54 -8.46
CA ASN A 189 9.16 -12.74 -8.84
C ASN A 189 10.10 -11.60 -8.46
N TRP A 190 9.56 -10.44 -8.09
CA TRP A 190 10.37 -9.33 -7.67
C TRP A 190 10.68 -9.46 -6.17
N GLY A 191 11.86 -9.03 -5.78
CA GLY A 191 12.20 -8.94 -4.37
C GLY A 191 12.17 -10.30 -3.72
N ASN A 192 11.68 -10.35 -2.49
CA ASN A 192 11.50 -11.61 -1.77
C ASN A 192 10.04 -12.01 -1.83
N LYS A 193 9.68 -12.77 -2.86
CA LYS A 193 8.27 -13.14 -3.09
C LYS A 193 7.34 -11.92 -3.19
N GLY A 194 7.89 -10.82 -3.73
CA GLY A 194 7.13 -9.59 -3.94
C GLY A 194 7.25 -8.55 -2.85
N TYR A 195 8.01 -8.86 -1.81
CA TYR A 195 8.16 -8.05 -0.62
C TYR A 195 9.60 -7.51 -0.50
N ILE A 196 9.72 -6.42 0.24
CA ILE A 196 11.01 -5.86 0.61
C ILE A 196 10.92 -5.42 2.06
N LEU A 197 11.99 -5.69 2.81
CA LEU A 197 12.19 -5.10 4.13
C LEU A 197 13.00 -3.81 3.96
N MET A 198 12.44 -2.69 4.40
CA MET A 198 13.07 -1.39 4.27
C MET A 198 13.45 -0.86 5.63
N ALA A 199 14.63 -0.23 5.72
CA ALA A 199 15.13 0.31 6.99
C ALA A 199 14.12 1.21 7.71
N ARG A 200 13.96 0.95 9.01
CA ARG A 200 13.04 1.67 9.87
C ARG A 200 13.86 2.43 10.93
N ASN A 201 13.42 3.64 11.21
CA ASN A 201 14.09 4.55 12.16
C ASN A 201 15.53 4.86 11.78
N LYS A 202 15.78 4.97 10.48
CA LYS A 202 17.06 5.45 9.95
C LYS A 202 16.81 6.76 9.22
N ASN A 203 16.32 7.72 9.99
CA ASN A 203 16.03 9.08 9.52
C ASN A 203 15.07 9.08 8.30
N ASN A 204 13.99 8.31 8.41
CA ASN A 204 12.92 8.32 7.40
C ASN A 204 13.50 7.97 6.01
N ALA A 205 14.20 6.84 5.97
CA ALA A 205 14.89 6.35 4.77
C ALA A 205 13.92 6.15 3.63
N CYS A 206 14.26 6.73 2.47
CA CYS A 206 13.44 6.67 1.25
C CYS A 206 12.09 7.37 1.36
N GLY A 207 11.91 8.23 2.37
CA GLY A 207 10.67 8.95 2.56
C GLY A 207 9.49 8.12 3.01
N ILE A 208 9.78 6.97 3.62
CA ILE A 208 8.74 6.01 4.03
C ILE A 208 7.55 6.62 4.78
N ALA A 209 7.81 7.62 5.63
CA ALA A 209 6.75 8.24 6.44
C ALA A 209 6.32 9.63 5.92
N ASN A 210 6.69 9.99 4.69
CA ASN A 210 6.36 11.31 4.16
C ASN A 210 4.97 11.46 3.54
N LEU A 211 4.35 10.37 3.09
CA LEU A 211 3.03 10.45 2.48
C LEU A 211 2.26 9.16 2.72
N ALA A 212 2.07 8.88 4.00
CA ALA A 212 1.45 7.64 4.45
C ALA A 212 0.01 7.96 4.87
N SER A 213 -0.91 7.10 4.47
CA SER A 213 -2.33 7.26 4.79
C SER A 213 -3.03 5.92 4.88
N PHE A 214 -4.16 5.91 5.59
CA PHE A 214 -5.03 4.74 5.61
C PHE A 214 -6.49 5.12 5.54
N PRO A 215 -7.32 4.22 4.98
CA PRO A 215 -8.76 4.46 4.92
C PRO A 215 -9.48 4.01 6.19
N LYS A 216 -10.61 4.65 6.45
CA LYS A 216 -11.53 4.25 7.51
C LYS A 216 -12.74 3.54 6.85
N MET A 217 -13.30 2.54 7.51
CA MET A 217 -14.56 1.93 7.04
C MET A 217 -15.34 1.33 8.20
#